data_1CR4
#
_entry.id   1CR4
#
_cell.length_a   80.784
_cell.length_b   80.784
_cell.length_c   85.852
_cell.angle_alpha   90.00
_cell.angle_beta   90.00
_cell.angle_gamma   120.00
#
_symmetry.space_group_name_H-M   'P 61'
#
loop_
_entity.id
_entity.type
_entity.pdbx_description
1 polymer 'DNA PRIMASE/HELICASE'
2 non-polymer 'SULFATE ION'
3 non-polymer "THYMIDINE-5'-DIPHOSPHATE"
4 water water
#
_entity_poly.entity_id   1
_entity_poly.type   'polypeptide(L)'
_entity_poly.pdbx_seq_one_letter_code
;MRERIREHLSSEESVGLLFSGCTGINDKTLGARGGEVIMVTSGSGMGKSTFVRQQALQWGTAMGKKVGLAMLEESVEETA
EDLIGLHNRVRLRQSDSLKREIIENGKFDQWFDELFGNDTFHLYDSFAEAETDRLLAKLAYMRSGLGCDVIILDHISIVV
SASGESDERKMIDNLMTKLKGFAKSTGVVLVVICHLKNPDKGKAHEEGRPVSITDLRGSGALRQLSDTIIALERNQQGDM
PNLVLVRILKCRFTGDTGIAGYMEYNKETGWLEPSSYSGEEESHSESTDWSNDTDF
;
_entity_poly.pdbx_strand_id   A
#
# COMPACT_ATOMS: atom_id res chain seq x y z
N MET A 1 -29.32 10.88 -24.54
CA MET A 1 -28.02 11.27 -23.94
C MET A 1 -28.24 11.86 -22.55
N ARG A 2 -29.23 12.74 -22.45
CA ARG A 2 -29.57 13.35 -21.18
C ARG A 2 -29.64 12.29 -20.03
N GLU A 3 -30.59 11.37 -20.13
CA GLU A 3 -30.72 10.28 -19.16
C GLU A 3 -29.41 9.46 -19.09
N ARG A 4 -28.78 9.32 -20.23
CA ARG A 4 -27.53 8.61 -20.36
C ARG A 4 -26.41 9.29 -19.51
N ILE A 5 -26.41 10.61 -19.50
CA ILE A 5 -25.44 11.41 -18.75
C ILE A 5 -25.77 11.39 -17.25
N ARG A 6 -27.01 11.62 -16.95
CA ARG A 6 -27.52 11.64 -15.58
C ARG A 6 -27.05 10.42 -14.77
N GLU A 7 -27.55 9.25 -15.12
CA GLU A 7 -27.18 8.02 -14.43
C GLU A 7 -25.64 7.86 -14.45
N HIS A 8 -25.02 8.27 -15.54
CA HIS A 8 -23.56 8.21 -15.61
C HIS A 8 -22.98 9.09 -14.48
N LEU A 9 -23.60 10.24 -14.30
CA LEU A 9 -23.22 11.19 -13.29
C LEU A 9 -23.45 10.62 -11.85
N SER A 10 -24.60 10.05 -11.63
CA SER A 10 -24.94 9.51 -10.31
C SER A 10 -24.37 8.09 -10.02
N SER A 11 -23.62 7.53 -10.93
CA SER A 11 -23.07 6.19 -10.76
C SER A 11 -21.54 6.15 -10.73
N GLU A 12 -20.95 7.27 -11.02
CA GLU A 12 -19.51 7.41 -11.05
C GLU A 12 -18.93 7.60 -9.62
N GLU A 13 -17.89 6.82 -9.27
CA GLU A 13 -17.25 6.91 -7.94
C GLU A 13 -15.93 7.69 -8.07
N SER A 14 -15.96 8.97 -7.72
CA SER A 14 -14.77 9.80 -7.86
C SER A 14 -13.76 9.65 -6.71
N VAL A 15 -14.27 9.59 -5.50
CA VAL A 15 -13.43 9.45 -4.30
C VAL A 15 -13.22 7.95 -3.95
N GLY A 16 -11.97 7.44 -3.99
CA GLY A 16 -11.73 6.03 -3.66
C GLY A 16 -11.44 5.84 -2.16
N LEU A 17 -10.56 4.90 -1.86
CA LEU A 17 -10.17 4.68 -0.49
C LEU A 17 -9.30 5.85 -0.05
N LEU A 18 -9.72 6.58 0.98
CA LEU A 18 -8.95 7.73 1.43
C LEU A 18 -7.67 7.28 2.13
N PHE A 19 -6.55 8.00 1.89
CA PHE A 19 -5.27 7.69 2.54
C PHE A 19 -5.28 8.27 3.99
N SER A 20 -4.26 7.96 4.81
CA SER A 20 -4.27 8.47 6.18
C SER A 20 -2.90 8.96 6.63
N GLY A 21 -2.87 9.92 7.56
CA GLY A 21 -1.58 10.39 8.06
C GLY A 21 -1.04 11.66 7.39
N CYS A 22 -1.35 11.87 6.14
CA CYS A 22 -0.84 13.06 5.50
C CYS A 22 -1.95 14.02 5.08
N THR A 23 -2.10 15.11 5.82
CA THR A 23 -3.12 16.09 5.46
C THR A 23 -2.80 16.71 4.08
N GLY A 24 -3.62 16.41 3.07
CA GLY A 24 -3.37 16.96 1.75
C GLY A 24 -3.28 15.88 0.65
N ILE A 25 -2.90 14.69 1.03
CA ILE A 25 -2.78 13.61 0.05
C ILE A 25 -4.13 13.34 -0.67
N ASN A 26 -5.21 13.34 0.07
CA ASN A 26 -6.55 13.13 -0.47
C ASN A 26 -7.03 14.33 -1.33
N ASP A 27 -6.53 15.49 -1.01
CA ASP A 27 -6.88 16.68 -1.73
C ASP A 27 -6.43 16.55 -3.21
N LYS A 28 -5.17 16.17 -3.39
CA LYS A 28 -4.55 16.04 -4.70
C LYS A 28 -4.82 14.70 -5.42
N THR A 29 -5.47 13.75 -4.78
CA THR A 29 -5.69 12.43 -5.41
C THR A 29 -7.08 11.91 -5.21
N LEU A 30 -7.81 12.45 -4.26
CA LEU A 30 -9.13 11.96 -3.98
C LEU A 30 -9.15 10.46 -3.59
N GLY A 31 -8.11 9.98 -2.93
CA GLY A 31 -8.06 8.58 -2.49
C GLY A 31 -7.73 7.60 -3.62
N ALA A 32 -7.86 6.30 -3.30
CA ALA A 32 -7.56 5.25 -4.26
C ALA A 32 -8.84 4.58 -4.81
N ARG A 33 -9.00 4.58 -6.13
CA ARG A 33 -10.18 3.99 -6.74
C ARG A 33 -9.90 2.59 -7.23
N GLY A 34 -10.94 1.76 -7.37
CA GLY A 34 -10.70 0.40 -7.86
C GLY A 34 -10.34 0.37 -9.35
N GLY A 35 -9.45 -0.54 -9.72
CA GLY A 35 -9.03 -0.67 -11.11
C GLY A 35 -7.77 0.16 -11.39
N GLU A 36 -7.35 0.92 -10.41
CA GLU A 36 -6.19 1.77 -10.53
C GLU A 36 -4.97 1.16 -9.85
N VAL A 37 -3.78 1.49 -10.35
CA VAL A 37 -2.55 1.00 -9.78
C VAL A 37 -1.82 2.15 -9.12
N ILE A 38 -1.68 2.13 -7.80
CA ILE A 38 -0.96 3.22 -7.13
C ILE A 38 0.48 2.80 -6.97
N MET A 39 1.41 3.67 -7.34
CA MET A 39 2.83 3.36 -7.20
C MET A 39 3.45 4.24 -6.12
N VAL A 40 4.02 3.61 -5.13
CA VAL A 40 4.65 4.35 -4.06
C VAL A 40 6.14 4.10 -4.18
N THR A 41 6.92 5.15 -4.46
CA THR A 41 8.35 4.96 -4.68
C THR A 41 9.20 6.01 -3.97
N SER A 42 10.51 5.73 -3.85
CA SER A 42 11.41 6.63 -3.17
C SER A 42 12.74 5.90 -2.95
N GLY A 43 13.69 6.47 -2.19
CA GLY A 43 14.95 5.75 -1.96
C GLY A 43 14.76 4.60 -0.94
N SER A 44 15.64 3.61 -0.98
CA SER A 44 15.58 2.50 -0.05
C SER A 44 15.67 3.04 1.40
N GLY A 45 14.89 2.47 2.33
CA GLY A 45 14.93 2.92 3.72
C GLY A 45 14.27 4.32 3.96
N MET A 46 13.66 4.87 2.93
CA MET A 46 13.00 6.17 3.05
C MET A 46 11.58 6.09 3.70
N GLY A 47 11.09 4.87 4.00
CA GLY A 47 9.78 4.71 4.64
C GLY A 47 8.62 4.23 3.73
N LYS A 48 8.93 3.64 2.64
CA LYS A 48 7.88 3.16 1.73
C LYS A 48 6.93 2.11 2.38
N SER A 49 7.50 1.02 2.84
CA SER A 49 6.72 -0.03 3.47
C SER A 49 5.86 0.49 4.62
N THR A 50 6.46 1.22 5.51
CA THR A 50 5.75 1.77 6.64
C THR A 50 4.49 2.49 6.16
N PHE A 51 4.67 3.46 5.31
CA PHE A 51 3.55 4.23 4.75
C PHE A 51 2.44 3.32 4.17
N VAL A 52 2.83 2.41 3.34
CA VAL A 52 1.86 1.51 2.76
C VAL A 52 1.19 0.66 3.83
N ARG A 53 2.00 0.10 4.69
CA ARG A 53 1.52 -0.71 5.79
C ARG A 53 0.46 0.06 6.61
N GLN A 54 0.76 1.29 6.88
CA GLN A 54 -0.13 2.14 7.62
C GLN A 54 -1.47 2.27 6.89
N GLN A 55 -1.40 2.48 5.60
CA GLN A 55 -2.60 2.60 4.77
C GLN A 55 -3.38 1.29 4.84
N ALA A 56 -2.65 0.21 4.73
CA ALA A 56 -3.24 -1.09 4.78
C ALA A 56 -3.96 -1.34 6.14
N LEU A 57 -3.30 -0.98 7.20
CA LEU A 57 -3.85 -1.13 8.54
C LEU A 57 -5.21 -0.39 8.69
N GLN A 58 -5.23 0.85 8.30
CA GLN A 58 -6.44 1.63 8.38
C GLN A 58 -7.55 1.09 7.44
N TRP A 59 -7.19 0.77 6.21
CA TRP A 59 -8.14 0.25 5.25
C TRP A 59 -8.84 -1.02 5.76
N GLY A 60 -8.05 -1.99 6.16
CA GLY A 60 -8.59 -3.23 6.65
C GLY A 60 -9.19 -3.11 8.07
N THR A 61 -8.71 -2.16 8.82
CA THR A 61 -9.19 -1.98 10.18
C THR A 61 -10.40 -1.05 10.33
N ALA A 62 -10.30 0.15 9.82
CA ALA A 62 -11.34 1.13 9.94
C ALA A 62 -12.30 1.20 8.76
N MET A 63 -11.80 1.08 7.57
CA MET A 63 -12.64 1.14 6.42
C MET A 63 -13.35 -0.20 6.18
N GLY A 64 -13.08 -1.17 7.03
CA GLY A 64 -13.69 -2.47 6.94
C GLY A 64 -13.45 -3.15 5.58
N LYS A 65 -12.27 -3.02 5.04
CA LYS A 65 -11.91 -3.62 3.76
C LYS A 65 -10.99 -4.83 3.97
N LYS A 66 -10.94 -5.75 3.00
CA LYS A 66 -10.06 -6.91 3.10
C LYS A 66 -8.74 -6.58 2.38
N VAL A 67 -7.61 -6.73 3.06
CA VAL A 67 -6.32 -6.37 2.44
C VAL A 67 -5.38 -7.55 2.32
N GLY A 68 -4.96 -7.85 1.10
CA GLY A 68 -4.02 -8.92 0.91
C GLY A 68 -2.64 -8.27 0.73
N LEU A 69 -1.62 -8.89 1.29
CA LEU A 69 -0.28 -8.35 1.16
C LEU A 69 0.66 -9.42 0.61
N ALA A 70 1.25 -9.16 -0.55
CA ALA A 70 2.15 -10.12 -1.18
C ALA A 70 3.57 -9.62 -1.08
N MET A 71 4.43 -10.31 -0.33
CA MET A 71 5.80 -9.85 -0.15
C MET A 71 6.82 -10.64 -1.00
N LEU A 72 7.58 -9.96 -1.84
CA LEU A 72 8.57 -10.59 -2.70
C LEU A 72 9.93 -10.77 -1.97
N GLU A 73 10.28 -9.79 -1.20
CA GLU A 73 11.54 -9.76 -0.50
C GLU A 73 11.51 -10.42 0.90
N GLU A 74 10.71 -9.89 1.82
CA GLU A 74 10.65 -10.42 3.20
C GLU A 74 9.56 -11.49 3.44
N SER A 75 9.64 -12.14 4.62
CA SER A 75 8.71 -13.21 5.00
C SER A 75 7.44 -12.68 5.67
N VAL A 76 6.46 -13.57 5.81
CA VAL A 76 5.20 -13.24 6.44
C VAL A 76 5.38 -12.86 7.93
N GLU A 77 6.13 -13.64 8.64
CA GLU A 77 6.38 -13.38 10.04
C GLU A 77 6.86 -11.92 10.23
N GLU A 78 7.85 -11.56 9.46
CA GLU A 78 8.40 -10.23 9.48
C GLU A 78 7.26 -9.18 9.26
N THR A 79 6.48 -9.39 8.23
CA THR A 79 5.36 -8.51 7.94
C THR A 79 4.36 -8.50 9.10
N ALA A 80 4.03 -9.66 9.58
CA ALA A 80 3.10 -9.80 10.66
C ALA A 80 3.59 -9.06 11.91
N GLU A 81 4.87 -9.15 12.14
CA GLU A 81 5.47 -8.50 13.28
C GLU A 81 5.34 -6.97 13.16
N ASP A 82 5.47 -6.49 11.96
CA ASP A 82 5.37 -5.06 11.69
C ASP A 82 3.94 -4.53 11.90
N LEU A 83 2.97 -5.21 11.34
CA LEU A 83 1.58 -4.83 11.48
C LEU A 83 1.14 -4.85 12.95
N ILE A 84 1.45 -5.91 13.65
CA ILE A 84 1.11 -6.04 15.06
C ILE A 84 1.68 -4.89 15.88
N GLY A 85 2.95 -4.58 15.68
CA GLY A 85 3.58 -3.49 16.40
C GLY A 85 2.86 -2.20 16.07
N LEU A 86 2.71 -1.99 14.78
CA LEU A 86 2.02 -0.84 14.25
C LEU A 86 0.63 -0.72 14.90
N HIS A 87 -0.11 -1.78 14.84
CA HIS A 87 -1.43 -1.81 15.41
C HIS A 87 -1.40 -1.46 16.90
N ASN A 88 -0.34 -1.85 17.57
CA ASN A 88 -0.18 -1.63 18.99
C ASN A 88 0.76 -0.48 19.31
N ARG A 89 1.01 0.33 18.33
CA ARG A 89 1.84 1.48 18.49
C ARG A 89 3.18 1.22 19.21
N VAL A 90 3.82 0.10 18.93
CA VAL A 90 5.12 -0.25 19.53
C VAL A 90 6.00 -0.87 18.44
N ARG A 91 7.30 -0.78 18.60
CA ARG A 91 8.18 -1.33 17.59
C ARG A 91 8.80 -2.62 18.07
N LEU A 92 8.10 -3.71 17.83
CA LEU A 92 8.56 -5.00 18.27
C LEU A 92 10.01 -5.32 17.86
N ARG A 93 10.37 -5.00 16.65
CA ARG A 93 11.69 -5.30 16.15
C ARG A 93 12.83 -4.56 16.89
N GLN A 94 12.51 -3.50 17.58
CA GLN A 94 13.53 -2.72 18.26
C GLN A 94 13.71 -3.06 19.75
N SER A 95 12.82 -3.84 20.29
CA SER A 95 12.87 -4.13 21.71
C SER A 95 12.93 -5.62 21.99
N ASP A 96 14.12 -6.12 22.30
CA ASP A 96 14.25 -7.53 22.62
C ASP A 96 13.42 -7.83 23.89
N SER A 97 13.30 -6.83 24.72
CA SER A 97 12.57 -6.90 25.95
C SER A 97 11.04 -7.06 25.70
N LEU A 98 10.48 -6.13 24.95
CA LEU A 98 9.06 -6.15 24.64
C LEU A 98 8.65 -7.49 23.99
N LYS A 99 9.42 -7.96 23.04
CA LYS A 99 9.13 -9.21 22.38
C LYS A 99 8.99 -10.35 23.40
N ARG A 100 9.92 -10.38 24.31
CA ARG A 100 9.99 -11.38 25.35
C ARG A 100 8.84 -11.18 26.39
N GLU A 101 8.66 -9.96 26.80
CA GLU A 101 7.61 -9.61 27.74
C GLU A 101 6.20 -9.97 27.18
N ILE A 102 5.92 -9.58 25.95
CA ILE A 102 4.63 -9.81 25.28
C ILE A 102 4.25 -11.31 25.06
N ILE A 103 5.23 -12.17 24.90
CA ILE A 103 4.93 -13.57 24.68
C ILE A 103 4.48 -14.28 25.98
N GLU A 104 5.22 -14.08 27.05
CA GLU A 104 4.86 -14.67 28.34
C GLU A 104 3.66 -13.92 28.99
N ASN A 105 3.54 -12.63 28.67
CA ASN A 105 2.47 -11.74 29.14
C ASN A 105 1.09 -12.23 28.62
N GLY A 106 1.09 -12.83 27.44
CA GLY A 106 -0.14 -13.30 26.84
C GLY A 106 -0.68 -12.24 25.87
N LYS A 107 -0.03 -11.10 25.85
CA LYS A 107 -0.39 -10.01 24.99
C LYS A 107 -0.14 -10.33 23.50
N PHE A 108 0.84 -11.14 23.21
CA PHE A 108 1.08 -11.49 21.82
C PHE A 108 -0.18 -12.13 21.23
N ASP A 109 -0.58 -13.23 21.82
CA ASP A 109 -1.75 -13.94 21.39
C ASP A 109 -3.01 -13.03 21.34
N GLN A 110 -3.17 -12.19 22.35
CA GLN A 110 -4.30 -11.27 22.38
C GLN A 110 -4.20 -10.29 21.18
N TRP A 111 -2.98 -9.89 20.89
CA TRP A 111 -2.70 -9.00 19.80
C TRP A 111 -2.91 -9.70 18.46
N PHE A 112 -2.43 -10.91 18.35
CA PHE A 112 -2.58 -11.70 17.14
C PHE A 112 -4.07 -11.87 16.72
N ASP A 113 -4.93 -12.22 17.66
CA ASP A 113 -6.35 -12.41 17.36
C ASP A 113 -7.09 -11.08 17.07
N GLU A 114 -6.83 -10.11 17.87
CA GLU A 114 -7.46 -8.82 17.70
C GLU A 114 -7.08 -8.17 16.35
N LEU A 115 -6.22 -8.82 15.58
CA LEU A 115 -5.77 -8.31 14.30
C LEU A 115 -6.03 -9.27 13.13
N PHE A 116 -5.58 -10.48 13.27
CA PHE A 116 -5.75 -11.50 12.24
C PHE A 116 -6.89 -12.46 12.59
N GLY A 117 -7.51 -12.28 13.75
CA GLY A 117 -8.57 -13.17 14.19
C GLY A 117 -9.70 -13.22 13.16
N ASN A 118 -9.95 -12.08 12.57
CA ASN A 118 -10.95 -11.91 11.54
C ASN A 118 -10.34 -12.32 10.18
N ASP A 119 -11.14 -12.29 9.14
CA ASP A 119 -10.65 -12.66 7.84
C ASP A 119 -10.31 -11.40 7.03
N THR A 120 -9.81 -10.40 7.69
CA THR A 120 -9.51 -9.13 7.02
C THR A 120 -8.13 -9.02 6.31
N PHE A 121 -7.07 -9.51 6.93
CA PHE A 121 -5.75 -9.41 6.33
C PHE A 121 -5.26 -10.75 5.74
N HIS A 122 -4.69 -10.72 4.53
CA HIS A 122 -4.18 -11.93 3.90
C HIS A 122 -2.72 -11.74 3.46
N LEU A 123 -1.78 -12.23 4.23
CA LEU A 123 -0.37 -12.07 3.91
C LEU A 123 0.20 -13.25 3.13
N TYR A 124 0.88 -13.01 1.99
CA TYR A 124 1.46 -14.11 1.21
C TYR A 124 2.90 -13.81 0.83
N ASP A 125 3.78 -14.74 1.09
CA ASP A 125 5.15 -14.53 0.75
C ASP A 125 5.62 -15.62 -0.21
N SER A 126 6.91 -15.81 -0.32
CA SER A 126 7.38 -16.89 -1.16
C SER A 126 6.97 -16.73 -2.64
N PHE A 127 7.47 -15.68 -3.18
CA PHE A 127 7.34 -15.31 -4.56
C PHE A 127 8.76 -15.02 -5.03
N ALA A 128 9.72 -15.42 -4.21
CA ALA A 128 11.14 -15.22 -4.45
C ALA A 128 11.55 -15.52 -5.90
N GLU A 129 10.78 -16.37 -6.53
CA GLU A 129 11.00 -16.75 -7.90
C GLU A 129 10.69 -15.54 -8.81
N ALA A 130 11.44 -15.39 -9.90
CA ALA A 130 11.22 -14.25 -10.78
C ALA A 130 10.14 -14.47 -11.88
N GLU A 131 9.16 -15.31 -11.62
CA GLU A 131 8.14 -15.56 -12.62
C GLU A 131 6.88 -14.75 -12.37
N THR A 132 6.48 -14.01 -13.40
CA THR A 132 5.32 -13.15 -13.33
C THR A 132 3.97 -13.91 -13.21
N ASP A 133 3.72 -14.79 -14.15
CA ASP A 133 2.50 -15.57 -14.16
C ASP A 133 2.23 -16.30 -12.81
N ARG A 134 3.25 -16.83 -12.21
CA ARG A 134 3.10 -17.51 -10.94
C ARG A 134 2.58 -16.47 -9.91
N LEU A 135 3.06 -15.27 -10.07
CA LEU A 135 2.70 -14.14 -9.25
C LEU A 135 1.26 -13.66 -9.55
N LEU A 136 0.95 -13.49 -10.81
CA LEU A 136 -0.37 -13.05 -11.24
C LEU A 136 -1.48 -14.07 -10.80
N ALA A 137 -1.13 -15.33 -10.81
CA ALA A 137 -2.05 -16.36 -10.43
C ALA A 137 -2.40 -16.26 -8.94
N LYS A 138 -1.44 -15.92 -8.14
CA LYS A 138 -1.64 -15.77 -6.73
C LYS A 138 -2.45 -14.48 -6.43
N LEU A 139 -2.12 -13.44 -7.14
CA LEU A 139 -2.81 -12.19 -6.99
C LEU A 139 -4.29 -12.38 -7.35
N ALA A 140 -4.51 -12.98 -8.49
CA ALA A 140 -5.85 -13.24 -8.95
C ALA A 140 -6.64 -14.09 -7.95
N TYR A 141 -5.95 -14.92 -7.22
CA TYR A 141 -6.60 -15.74 -6.23
C TYR A 141 -6.93 -14.93 -4.98
N MET A 142 -6.07 -14.03 -4.64
CA MET A 142 -6.28 -13.20 -3.49
C MET A 142 -7.53 -12.31 -3.68
N ARG A 143 -7.80 -11.96 -4.93
CA ARG A 143 -8.92 -11.11 -5.30
C ARG A 143 -10.23 -11.91 -5.36
N SER A 144 -10.21 -12.93 -6.17
CA SER A 144 -11.33 -13.80 -6.39
C SER A 144 -11.59 -14.73 -5.19
N GLY A 145 -10.62 -15.53 -4.84
CA GLY A 145 -10.76 -16.46 -3.74
C GLY A 145 -10.92 -15.79 -2.35
N LEU A 146 -9.97 -14.97 -1.97
CA LEU A 146 -10.02 -14.32 -0.66
C LEU A 146 -10.85 -13.02 -0.65
N GLY A 147 -11.34 -12.58 -1.79
CA GLY A 147 -12.12 -11.35 -1.90
C GLY A 147 -11.37 -10.08 -1.39
N CYS A 148 -10.08 -10.01 -1.58
CA CYS A 148 -9.31 -8.86 -1.15
C CYS A 148 -9.74 -7.58 -1.89
N ASP A 149 -10.00 -6.49 -1.14
CA ASP A 149 -10.38 -5.22 -1.77
C ASP A 149 -9.13 -4.44 -2.29
N VAL A 150 -8.03 -4.62 -1.58
CA VAL A 150 -6.78 -3.93 -1.88
C VAL A 150 -5.61 -4.92 -1.87
N ILE A 151 -4.74 -4.87 -2.89
CA ILE A 151 -3.59 -5.78 -2.89
C ILE A 151 -2.29 -4.98 -2.98
N ILE A 152 -1.42 -5.18 -2.03
CA ILE A 152 -0.17 -4.47 -2.00
C ILE A 152 0.99 -5.39 -2.40
N LEU A 153 1.68 -5.05 -3.48
CA LEU A 153 2.80 -5.84 -3.94
C LEU A 153 4.09 -5.22 -3.40
N ASP A 154 4.79 -5.94 -2.53
CA ASP A 154 6.01 -5.41 -1.92
C ASP A 154 7.14 -6.40 -2.05
N HIS A 155 8.16 -6.14 -2.88
CA HIS A 155 8.26 -4.94 -3.64
C HIS A 155 8.96 -5.22 -4.99
N ILE A 156 9.19 -4.16 -5.74
CA ILE A 156 9.83 -4.29 -7.03
C ILE A 156 10.88 -3.19 -7.21
N SER A 157 11.97 -3.52 -7.88
CA SER A 157 13.03 -2.54 -8.10
C SER A 157 13.16 -2.39 -9.61
N ILE A 158 13.62 -1.24 -10.10
CA ILE A 158 13.78 -1.07 -11.54
C ILE A 158 15.04 -1.84 -12.05
N ARG A 169 13.86 -3.60 -18.95
CA ARG A 169 13.63 -4.96 -19.53
C ARG A 169 12.12 -5.20 -19.68
N LYS A 170 11.74 -6.46 -19.81
CA LYS A 170 10.34 -6.81 -19.96
C LYS A 170 9.76 -7.36 -18.63
N MET A 171 10.61 -7.96 -17.82
CA MET A 171 10.15 -8.47 -16.53
C MET A 171 9.29 -7.40 -15.83
N ILE A 172 9.84 -6.22 -15.72
CA ILE A 172 9.15 -5.09 -15.12
C ILE A 172 8.11 -4.48 -16.10
N ASP A 173 8.51 -4.30 -17.33
CA ASP A 173 7.66 -3.75 -18.38
C ASP A 173 6.37 -4.61 -18.57
N ASN A 174 6.59 -5.89 -18.75
CA ASN A 174 5.54 -6.88 -18.94
C ASN A 174 4.72 -7.08 -17.65
N LEU A 175 5.40 -7.11 -16.53
CA LEU A 175 4.73 -7.27 -15.24
C LEU A 175 3.79 -6.05 -14.97
N MET A 176 4.33 -4.87 -15.11
CA MET A 176 3.57 -3.66 -14.93
C MET A 176 2.32 -3.65 -15.85
N THR A 177 2.47 -4.14 -17.06
CA THR A 177 1.36 -4.21 -18.01
C THR A 177 0.37 -5.33 -17.62
N LYS A 178 0.87 -6.37 -17.00
CA LYS A 178 0.02 -7.46 -16.55
C LYS A 178 -0.71 -7.02 -15.26
N LEU A 179 -0.01 -6.31 -14.40
CA LEU A 179 -0.53 -5.79 -13.16
C LEU A 179 -1.69 -4.79 -13.43
N LYS A 180 -1.43 -3.81 -14.26
CA LYS A 180 -2.43 -2.84 -14.63
C LYS A 180 -3.64 -3.53 -15.28
N GLY A 181 -3.39 -4.55 -16.07
CA GLY A 181 -4.47 -5.27 -16.73
C GLY A 181 -5.35 -6.02 -15.70
N PHE A 182 -4.71 -6.54 -14.68
CA PHE A 182 -5.36 -7.27 -13.60
C PHE A 182 -6.22 -6.30 -12.75
N ALA A 183 -5.68 -5.16 -12.44
CA ALA A 183 -6.38 -4.16 -11.65
C ALA A 183 -7.58 -3.55 -12.41
N LYS A 184 -7.38 -3.22 -13.64
CA LYS A 184 -8.44 -2.63 -14.43
C LYS A 184 -9.61 -3.59 -14.64
N SER A 185 -9.29 -4.82 -14.95
CA SER A 185 -10.32 -5.81 -15.22
C SER A 185 -11.09 -6.31 -13.98
N THR A 186 -10.41 -6.48 -12.88
CA THR A 186 -11.06 -6.94 -11.65
C THR A 186 -11.67 -5.77 -10.88
N GLY A 187 -10.94 -4.67 -10.82
CA GLY A 187 -11.41 -3.51 -10.12
C GLY A 187 -10.77 -3.38 -8.72
N VAL A 188 -9.86 -4.25 -8.41
CA VAL A 188 -9.18 -4.20 -7.12
C VAL A 188 -8.22 -3.00 -7.12
N VAL A 189 -7.85 -2.51 -5.94
CA VAL A 189 -6.88 -1.43 -5.87
C VAL A 189 -5.52 -2.07 -5.68
N LEU A 190 -4.63 -1.91 -6.63
CA LEU A 190 -3.36 -2.55 -6.48
C LEU A 190 -2.30 -1.50 -6.16
N VAL A 191 -1.67 -1.62 -5.01
CA VAL A 191 -0.63 -0.66 -4.65
C VAL A 191 0.71 -1.38 -4.84
N VAL A 192 1.64 -0.79 -5.57
CA VAL A 192 2.92 -1.46 -5.77
C VAL A 192 4.04 -0.58 -5.22
N ILE A 193 4.98 -1.19 -4.49
CA ILE A 193 6.11 -0.43 -3.95
C ILE A 193 7.35 -0.67 -4.82
N CYS A 194 7.92 0.39 -5.42
CA CYS A 194 9.09 0.21 -6.30
C CYS A 194 10.31 0.95 -5.75
N HIS A 195 11.50 0.36 -5.86
CA HIS A 195 12.71 1.04 -5.36
C HIS A 195 13.40 1.94 -6.41
N LEU A 196 13.69 3.19 -6.05
CA LEU A 196 14.27 4.13 -7.00
C LEU A 196 15.74 4.46 -6.68
N LYS A 197 16.69 3.95 -7.46
CA LYS A 197 18.10 4.26 -7.20
C LYS A 197 18.67 5.19 -8.28
N ASP A 215 10.08 12.19 -11.77
CA ASP A 215 9.25 11.32 -12.61
C ASP A 215 10.07 10.25 -13.42
N LEU A 216 11.13 10.71 -14.05
CA LEU A 216 12.01 9.90 -14.88
C LEU A 216 12.80 8.83 -14.11
N ARG A 217 12.96 9.05 -12.83
CA ARG A 217 13.67 8.16 -11.95
C ARG A 217 13.18 6.68 -12.05
N GLY A 218 12.01 6.46 -12.66
CA GLY A 218 11.46 5.12 -12.83
C GLY A 218 11.72 4.58 -14.26
N GLY A 220 9.57 3.25 -18.36
CA GLY A 220 8.40 3.29 -19.26
C GLY A 220 7.07 2.87 -18.58
N ALA A 221 6.77 1.60 -18.65
CA ALA A 221 5.54 1.07 -18.07
C ALA A 221 5.36 1.53 -16.59
N LEU A 222 6.44 1.55 -15.85
CA LEU A 222 6.39 1.97 -14.48
C LEU A 222 5.64 3.31 -14.32
N ARG A 223 5.98 4.25 -15.15
CA ARG A 223 5.35 5.57 -15.13
C ARG A 223 4.01 5.60 -15.93
N GLN A 224 4.00 4.92 -17.03
CA GLN A 224 2.85 4.86 -17.92
C GLN A 224 1.59 4.14 -17.34
N LEU A 225 1.76 2.91 -16.90
CA LEU A 225 0.66 2.12 -16.39
C LEU A 225 0.13 2.55 -15.00
N SER A 226 1.01 2.96 -14.15
CA SER A 226 0.61 3.40 -12.84
C SER A 226 -0.37 4.57 -12.97
N ASP A 227 -1.47 4.53 -12.22
CA ASP A 227 -2.44 5.61 -12.26
C ASP A 227 -2.03 6.80 -11.38
N THR A 228 -1.55 6.50 -10.18
CA THR A 228 -1.10 7.49 -9.23
C THR A 228 0.25 7.10 -8.70
N ILE A 229 1.19 8.03 -8.66
CA ILE A 229 2.50 7.70 -8.14
C ILE A 229 2.85 8.60 -6.99
N ILE A 230 3.12 8.01 -5.86
CA ILE A 230 3.45 8.81 -4.71
C ILE A 230 4.90 8.59 -4.36
N ALA A 231 5.60 9.66 -4.01
CA ALA A 231 6.99 9.53 -3.66
C ALA A 231 7.28 10.20 -2.32
N LEU A 232 8.12 9.59 -1.51
CA LEU A 232 8.44 10.18 -0.22
C LEU A 232 9.86 10.71 -0.25
N GLU A 233 10.11 11.86 0.34
CA GLU A 233 11.47 12.40 0.30
C GLU A 233 11.95 12.73 1.70
N ARG A 234 13.26 12.57 1.96
CA ARG A 234 13.71 12.83 3.31
C ARG A 234 15.10 13.49 3.40
N ASN A 235 15.15 14.58 4.17
CA ASN A 235 16.34 15.36 4.55
C ASN A 235 17.58 15.59 3.63
N GLN A 236 17.70 15.00 2.47
CA GLN A 236 18.93 15.23 1.72
C GLN A 236 18.81 16.03 0.42
N LEU A 243 11.33 13.97 9.24
CA LEU A 243 10.26 14.61 8.40
C LEU A 243 10.37 14.14 6.93
N VAL A 244 9.27 13.65 6.42
CA VAL A 244 9.25 13.14 5.06
C VAL A 244 8.27 13.95 4.22
N LEU A 245 8.71 14.31 3.02
CA LEU A 245 7.89 15.09 2.11
C LEU A 245 7.12 14.15 1.17
N VAL A 246 5.80 14.28 1.14
CA VAL A 246 5.00 13.42 0.27
C VAL A 246 4.68 14.17 -1.04
N ARG A 247 5.24 13.70 -2.13
CA ARG A 247 5.07 14.35 -3.42
C ARG A 247 4.20 13.49 -4.33
N ILE A 248 3.24 14.11 -4.99
CA ILE A 248 2.38 13.37 -5.91
C ILE A 248 2.90 13.58 -7.32
N LEU A 249 3.76 12.68 -7.74
CA LEU A 249 4.38 12.79 -9.05
C LEU A 249 3.37 12.68 -10.21
N LYS A 250 2.25 12.00 -9.97
CA LYS A 250 1.28 11.78 -11.03
C LYS A 250 -0.04 11.18 -10.54
N CYS A 251 -1.13 11.70 -11.09
CA CYS A 251 -2.47 11.23 -10.75
C CYS A 251 -3.36 11.45 -11.97
N ARG A 252 -3.53 10.40 -12.76
CA ARG A 252 -4.33 10.44 -13.98
C ARG A 252 -5.71 11.11 -13.76
N PHE A 253 -6.48 10.48 -12.92
CA PHE A 253 -7.82 10.89 -12.58
C PHE A 253 -7.94 12.39 -12.26
N THR A 254 -7.14 12.86 -11.34
CA THR A 254 -7.19 14.24 -10.92
C THR A 254 -6.25 15.16 -11.70
N GLY A 255 -5.08 14.65 -12.07
CA GLY A 255 -4.11 15.45 -12.78
C GLY A 255 -3.36 16.41 -11.83
N ASP A 256 -3.92 16.62 -10.66
CA ASP A 256 -3.32 17.49 -9.65
C ASP A 256 -1.99 16.87 -9.16
N THR A 257 -0.88 17.53 -9.46
CA THR A 257 0.44 17.03 -9.10
C THR A 257 1.08 17.97 -8.09
N GLY A 258 2.30 17.65 -7.63
CA GLY A 258 2.96 18.54 -6.68
C GLY A 258 3.12 17.87 -5.32
N ILE A 259 3.52 18.64 -4.33
CA ILE A 259 3.70 18.05 -3.01
C ILE A 259 2.42 18.16 -2.19
N ALA A 260 1.90 17.02 -1.76
CA ALA A 260 0.65 16.98 -1.00
C ALA A 260 0.82 17.41 0.46
N GLY A 261 1.98 17.23 1.01
CA GLY A 261 2.17 17.59 2.41
C GLY A 261 3.37 16.88 3.02
N TYR A 262 3.48 16.97 4.33
CA TYR A 262 4.60 16.38 5.03
C TYR A 262 4.14 15.46 6.17
N MET A 263 4.98 14.50 6.52
CA MET A 263 4.66 13.59 7.59
C MET A 263 5.86 13.49 8.52
N GLU A 264 5.64 13.18 9.80
CA GLU A 264 6.74 13.07 10.76
C GLU A 264 6.78 11.63 11.33
N TYR A 265 7.89 10.92 11.14
CA TYR A 265 8.01 9.54 11.64
C TYR A 265 8.23 9.51 13.16
N ASN A 266 7.41 8.76 13.87
CA ASN A 266 7.56 8.65 15.31
C ASN A 266 8.45 7.45 15.62
N LYS A 267 9.71 7.71 15.93
CA LYS A 267 10.62 6.62 16.20
C LYS A 267 10.18 5.70 17.35
N GLU A 268 9.24 6.10 18.15
CA GLU A 268 8.82 5.28 19.26
C GLU A 268 7.62 4.36 18.93
N THR A 269 6.76 4.85 18.08
CA THR A 269 5.58 4.11 17.67
C THR A 269 5.77 3.47 16.29
N GLY A 270 6.56 4.10 15.46
CA GLY A 270 6.81 3.58 14.13
C GLY A 270 5.76 4.05 13.10
N TRP A 271 4.90 4.91 13.55
CA TRP A 271 3.85 5.45 12.72
C TRP A 271 4.29 6.77 12.09
N LEU A 272 3.91 7.01 10.84
CA LEU A 272 4.21 8.27 10.22
C LEU A 272 3.05 9.21 10.59
N GLU A 273 3.33 10.37 11.19
CA GLU A 273 2.26 11.28 11.61
C GLU A 273 2.17 12.53 10.78
N PRO A 274 1.01 13.15 10.67
CA PRO A 274 0.84 14.39 9.89
C PRO A 274 1.64 15.51 10.56
N SER A 275 2.27 16.33 9.76
CA SER A 275 3.11 17.38 10.28
C SER A 275 2.52 18.77 10.14
N SER A 276 3.18 19.70 10.81
CA SER A 276 2.80 21.09 10.79
C SER A 276 3.89 21.94 10.06
N TYR A 277 4.63 21.33 9.13
CA TYR A 277 5.71 22.06 8.43
C TYR A 277 5.26 23.36 7.70
#